data_1R9K
#
_entry.id   1R9K
#
_entity_poly.entity_id   1
_entity_poly.type   'polypeptide(L)'
_entity_poly.pdbx_seq_one_letter_code
;GNASEGRAVLTSKTVKDFMLQKLNSLDIKGNASKDPAYARQTCEAILSAVYSNNKDQCCKLLISKGVSITPFLKEIGEAA
QNAGLPGEIKNGVFTPGGAGANPFVVPLIASASIKYPHMFINHNQQVSFKAYAEKIVMKEVTPLFNKGTMPTPQQFQLTI
ENIANKYLQNAS
;
_entity_poly.pdbx_strand_id   A
#
# COMPACT_ATOMS: atom_id res chain seq x y z
N GLU A 5 -8.46 10.93 17.30
CA GLU A 5 -8.85 11.77 18.48
C GLU A 5 -10.12 12.58 18.15
N GLY A 6 -10.54 13.44 19.04
CA GLY A 6 -11.77 14.26 18.79
C GLY A 6 -11.56 15.68 19.34
N ARG A 7 -11.60 16.66 18.49
CA ARG A 7 -11.40 18.07 18.96
C ARG A 7 -11.78 19.08 17.87
N ALA A 8 -11.90 20.34 18.21
CA ALA A 8 -12.24 21.38 17.19
C ALA A 8 -10.97 21.96 16.58
N VAL A 9 -9.90 21.24 16.63
CA VAL A 9 -8.59 21.71 16.07
C VAL A 9 -7.94 20.58 15.26
N LEU A 10 -8.02 19.38 15.78
CA LEU A 10 -7.43 18.15 15.13
C LEU A 10 -6.08 18.42 14.43
N THR A 11 -5.32 19.38 14.89
CA THR A 11 -3.98 19.66 14.24
C THR A 11 -2.99 18.52 14.53
N SER A 12 -1.75 18.64 14.09
CA SER A 12 -0.75 17.53 14.34
C SER A 12 -1.43 16.19 13.97
N LYS A 13 -1.56 15.94 12.68
CA LYS A 13 -2.29 14.72 12.20
C LYS A 13 -3.78 15.05 12.29
N THR A 14 -4.30 15.56 11.23
CA THR A 14 -5.71 15.97 11.17
C THR A 14 -6.50 14.91 10.44
N VAL A 15 -6.10 14.71 9.24
CA VAL A 15 -6.69 13.66 8.39
C VAL A 15 -6.12 12.39 8.92
N LYS A 16 -4.84 12.44 9.07
CA LYS A 16 -4.12 11.30 9.63
C LYS A 16 -4.89 10.83 10.84
N ASP A 17 -5.50 11.75 11.53
CA ASP A 17 -6.31 11.41 12.73
C ASP A 17 -7.65 10.86 12.33
N PHE A 18 -8.31 11.55 11.46
CA PHE A 18 -9.61 11.06 11.00
C PHE A 18 -9.39 9.80 10.16
N MET A 19 -8.25 9.75 9.52
CA MET A 19 -7.89 8.58 8.70
C MET A 19 -7.57 7.47 9.66
N LEU A 20 -6.98 7.84 10.76
CA LEU A 20 -6.66 6.84 11.80
C LEU A 20 -7.95 6.32 12.45
N GLN A 21 -8.89 7.20 12.70
CA GLN A 21 -10.18 6.77 13.31
C GLN A 21 -10.88 5.90 12.29
N LYS A 22 -10.88 6.35 11.07
CA LYS A 22 -11.50 5.55 10.01
C LYS A 22 -10.79 4.22 9.97
N LEU A 23 -9.51 4.27 9.83
CA LEU A 23 -8.67 3.04 9.82
C LEU A 23 -9.15 2.05 10.88
N ASN A 24 -9.33 2.53 12.07
CA ASN A 24 -9.80 1.65 13.18
C ASN A 24 -11.28 1.33 13.01
N SER A 25 -12.05 2.33 12.70
CA SER A 25 -13.51 2.11 12.55
C SER A 25 -13.85 1.47 11.20
N LEU A 26 -12.90 1.42 10.33
CA LEU A 26 -13.08 0.77 9.02
C LEU A 26 -13.03 -0.74 9.26
N ASP A 27 -12.38 -1.11 10.35
CA ASP A 27 -12.27 -2.53 10.76
C ASP A 27 -11.96 -3.42 9.59
N ILE A 28 -10.82 -3.19 9.02
CA ILE A 28 -10.35 -3.97 7.88
C ILE A 28 -10.52 -5.47 8.16
N LYS A 29 -10.29 -5.87 9.37
CA LYS A 29 -10.44 -7.29 9.74
C LYS A 29 -11.89 -7.64 9.95
N GLY A 30 -12.60 -6.71 10.45
CA GLY A 30 -14.06 -6.92 10.66
C GLY A 30 -14.70 -7.23 9.32
N ASN A 31 -14.28 -6.52 8.31
CA ASN A 31 -14.81 -6.80 6.96
C ASN A 31 -14.24 -8.16 6.56
N ALA A 32 -12.98 -8.39 6.83
CA ALA A 32 -12.38 -9.73 6.53
C ALA A 32 -13.15 -10.80 7.31
N SER A 33 -13.78 -10.42 8.41
CA SER A 33 -14.55 -11.42 9.21
C SER A 33 -15.93 -11.64 8.57
N LYS A 34 -16.54 -10.60 8.05
CA LYS A 34 -17.87 -10.76 7.40
C LYS A 34 -17.70 -11.06 5.91
N ASP A 35 -16.63 -10.60 5.36
CA ASP A 35 -16.36 -10.82 3.92
C ASP A 35 -15.10 -11.68 3.72
N PRO A 36 -15.33 -12.91 3.40
CA PRO A 36 -14.21 -13.85 3.12
C PRO A 36 -13.54 -13.47 1.80
N ALA A 37 -14.09 -12.53 1.10
CA ALA A 37 -13.48 -12.05 -0.15
C ALA A 37 -12.69 -10.83 0.22
N TYR A 38 -13.28 -10.08 1.08
CA TYR A 38 -12.62 -8.88 1.59
C TYR A 38 -11.34 -9.29 2.27
N ALA A 39 -11.43 -10.30 3.05
CA ALA A 39 -10.22 -10.79 3.79
C ALA A 39 -9.17 -11.26 2.79
N ARG A 40 -9.58 -11.90 1.74
CA ARG A 40 -8.62 -12.41 0.73
C ARG A 40 -8.23 -11.37 -0.32
N GLN A 41 -9.13 -10.56 -0.74
CA GLN A 41 -8.80 -9.55 -1.79
C GLN A 41 -8.03 -8.38 -1.19
N THR A 42 -8.31 -8.06 0.02
CA THR A 42 -7.60 -6.94 0.69
C THR A 42 -6.40 -7.49 1.49
N CYS A 43 -6.17 -8.79 1.46
CA CYS A 43 -4.99 -9.38 2.17
C CYS A 43 -3.81 -9.38 1.21
N GLU A 44 -4.09 -9.62 -0.03
CA GLU A 44 -3.03 -9.62 -1.06
C GLU A 44 -2.86 -8.21 -1.62
N ALA A 45 -3.94 -7.49 -1.77
CA ALA A 45 -3.82 -6.11 -2.33
C ALA A 45 -3.09 -5.16 -1.36
N ILE A 46 -3.14 -5.41 -0.07
CA ILE A 46 -2.40 -4.54 0.90
C ILE A 46 -0.93 -4.64 0.61
N LEU A 47 -0.46 -5.84 0.50
CA LEU A 47 0.95 -6.07 0.18
C LEU A 47 1.11 -5.85 -1.32
N SER A 48 0.03 -5.86 -2.03
CA SER A 48 0.11 -5.50 -3.46
C SER A 48 0.19 -3.97 -3.53
N ALA A 49 -0.18 -3.33 -2.46
CA ALA A 49 -0.12 -1.84 -2.41
C ALA A 49 1.33 -1.45 -2.24
N VAL A 50 1.99 -2.13 -1.36
CA VAL A 50 3.42 -1.90 -1.13
C VAL A 50 4.14 -2.31 -2.39
N TYR A 51 3.64 -3.35 -2.96
CA TYR A 51 4.17 -3.83 -4.26
C TYR A 51 4.10 -2.66 -5.23
N SER A 52 2.92 -2.13 -5.39
CA SER A 52 2.74 -0.98 -6.32
C SER A 52 3.43 0.26 -5.75
N ASN A 53 3.34 0.49 -4.46
CA ASN A 53 4.06 1.65 -3.89
C ASN A 53 5.52 1.47 -4.23
N ASN A 54 5.98 0.26 -4.18
CA ASN A 54 7.37 0.00 -4.54
C ASN A 54 7.60 0.40 -5.97
N LYS A 55 6.69 0.03 -6.80
CA LYS A 55 6.87 0.40 -8.21
C LYS A 55 6.58 1.89 -8.39
N ASP A 56 6.01 2.48 -7.38
CA ASP A 56 5.67 3.92 -7.40
C ASP A 56 6.77 4.70 -6.73
N GLN A 57 7.21 4.19 -5.64
CA GLN A 57 8.28 4.83 -4.85
C GLN A 57 9.61 4.65 -5.57
N CYS A 58 9.88 3.43 -5.96
CA CYS A 58 11.16 3.16 -6.69
C CYS A 58 11.11 3.84 -8.05
N CYS A 59 10.08 3.59 -8.82
CA CYS A 59 9.98 4.25 -10.15
C CYS A 59 9.97 5.79 -10.03
N LYS A 60 9.50 6.32 -8.92
CA LYS A 60 9.46 7.81 -8.76
C LYS A 60 10.84 8.41 -9.00
N LEU A 61 11.80 7.96 -8.25
CA LEU A 61 13.18 8.47 -8.40
C LEU A 61 13.85 7.79 -9.59
N LEU A 62 13.39 6.62 -9.92
CA LEU A 62 13.95 5.84 -11.06
C LEU A 62 13.64 6.52 -12.38
N ILE A 63 12.48 7.08 -12.48
CA ILE A 63 12.11 7.81 -13.71
C ILE A 63 13.04 9.02 -13.86
N SER A 64 13.78 9.32 -12.82
CA SER A 64 14.73 10.46 -12.87
C SER A 64 16.10 9.98 -13.35
N LYS A 65 16.48 8.78 -13.00
CA LYS A 65 17.78 8.23 -13.46
C LYS A 65 17.63 7.69 -14.88
N GLY A 66 16.42 7.35 -15.23
CA GLY A 66 16.15 6.77 -16.57
C GLY A 66 16.44 5.28 -16.50
N VAL A 67 16.09 4.70 -15.39
CA VAL A 67 16.35 3.28 -15.12
C VAL A 67 15.29 2.36 -15.74
N SER A 68 15.06 1.25 -15.11
CA SER A 68 14.05 0.28 -15.56
C SER A 68 13.48 -0.41 -14.33
N ILE A 69 12.31 -0.01 -13.93
CA ILE A 69 11.66 -0.60 -12.73
C ILE A 69 11.05 -1.97 -13.03
N THR A 70 10.90 -2.31 -14.27
CA THR A 70 10.30 -3.62 -14.68
C THR A 70 11.08 -4.74 -14.02
N PRO A 71 12.40 -4.69 -14.13
CA PRO A 71 13.21 -5.72 -13.46
C PRO A 71 12.96 -5.63 -11.96
N PHE A 72 12.84 -4.45 -11.45
CA PHE A 72 12.53 -4.31 -10.01
C PHE A 72 11.10 -4.81 -9.77
N LEU A 73 10.19 -4.45 -10.64
CA LEU A 73 8.80 -4.97 -10.50
C LEU A 73 8.88 -6.50 -10.46
N LYS A 74 9.73 -7.06 -11.29
CA LYS A 74 9.93 -8.53 -11.30
C LYS A 74 10.24 -8.99 -9.87
N GLU A 75 11.04 -8.24 -9.16
CA GLU A 75 11.40 -8.61 -7.76
C GLU A 75 10.20 -8.44 -6.84
N ILE A 76 9.57 -7.29 -6.79
CA ILE A 76 8.38 -7.19 -5.91
C ILE A 76 7.35 -8.21 -6.35
N GLY A 77 7.32 -8.54 -7.63
CA GLY A 77 6.39 -9.60 -8.14
C GLY A 77 6.77 -10.93 -7.48
N GLU A 78 7.99 -11.07 -7.07
CA GLU A 78 8.45 -12.31 -6.38
C GLU A 78 7.74 -12.37 -5.07
N ALA A 79 7.98 -11.37 -4.33
CA ALA A 79 7.30 -11.23 -3.04
C ALA A 79 5.80 -11.28 -3.34
N ALA A 80 5.40 -10.65 -4.42
CA ALA A 80 3.98 -10.65 -4.86
C ALA A 80 3.57 -12.05 -5.34
N GLN A 81 4.51 -12.90 -5.60
CA GLN A 81 4.20 -14.26 -6.05
C GLN A 81 4.24 -15.18 -4.84
N ASN A 82 5.25 -14.99 -4.07
CA ASN A 82 5.48 -15.77 -2.84
C ASN A 82 4.50 -15.34 -1.73
N ALA A 83 4.07 -14.09 -1.76
CA ALA A 83 3.10 -13.61 -0.72
C ALA A 83 1.70 -14.19 -1.01
N GLY A 84 1.46 -14.65 -2.22
CA GLY A 84 0.12 -15.25 -2.53
C GLY A 84 -0.73 -14.35 -3.43
N LEU A 85 -0.16 -13.40 -4.11
CA LEU A 85 -1.00 -12.52 -5.01
C LEU A 85 -0.43 -12.47 -6.45
N PRO A 86 -0.52 -13.58 -7.14
CA PRO A 86 -0.01 -13.68 -8.54
C PRO A 86 -1.16 -13.49 -9.55
N GLY A 87 -0.87 -13.55 -10.84
CA GLY A 87 -1.95 -13.38 -11.85
C GLY A 87 -1.45 -12.74 -13.15
N GLU A 88 -0.24 -12.27 -13.21
CA GLU A 88 0.27 -11.63 -14.45
C GLU A 88 1.76 -11.92 -14.65
N ILE A 89 2.17 -12.03 -15.88
CA ILE A 89 3.58 -12.34 -16.18
C ILE A 89 3.89 -11.99 -17.65
N LYS A 90 5.08 -11.53 -17.97
CA LYS A 90 5.37 -11.16 -19.38
C LYS A 90 6.78 -11.62 -19.80
N ASN A 91 7.55 -10.75 -20.43
CA ASN A 91 8.93 -11.12 -20.87
C ASN A 91 9.84 -11.45 -19.68
N GLY A 92 9.69 -12.62 -19.11
CA GLY A 92 10.53 -13.02 -17.94
C GLY A 92 10.23 -12.11 -16.75
N VAL A 93 9.02 -11.66 -16.65
CA VAL A 93 8.61 -10.77 -15.54
C VAL A 93 7.22 -11.14 -15.06
N PHE A 94 6.97 -11.01 -13.79
CA PHE A 94 5.62 -11.34 -13.26
C PHE A 94 5.01 -10.14 -12.55
N THR A 95 3.71 -10.12 -12.51
CA THR A 95 2.96 -9.03 -11.82
C THR A 95 1.90 -9.67 -10.91
N PRO A 96 1.74 -9.12 -9.74
CA PRO A 96 0.73 -9.68 -8.78
C PRO A 96 -0.69 -9.54 -9.33
N GLY A 97 -1.57 -10.45 -8.97
CA GLY A 97 -2.98 -10.40 -9.48
C GLY A 97 -3.70 -9.14 -9.00
N GLY A 98 -4.24 -9.16 -7.81
CA GLY A 98 -4.97 -7.96 -7.28
C GLY A 98 -3.96 -6.87 -6.91
N ALA A 99 -3.29 -6.32 -7.89
CA ALA A 99 -2.30 -5.25 -7.61
C ALA A 99 -2.88 -3.88 -7.97
N GLY A 100 -3.35 -3.18 -6.98
CA GLY A 100 -3.94 -1.83 -7.23
C GLY A 100 -3.24 -0.77 -6.37
N ALA A 101 -4.00 0.16 -5.85
CA ALA A 101 -3.42 1.25 -5.02
C ALA A 101 -3.91 1.13 -3.56
N ASN A 102 -3.90 -0.08 -3.01
CA ASN A 102 -4.35 -0.31 -1.59
C ASN A 102 -5.87 -0.16 -1.43
N PRO A 103 -6.54 -1.30 -1.35
CA PRO A 103 -8.03 -1.29 -1.17
C PRO A 103 -8.44 -0.71 0.19
N PHE A 104 -7.55 -0.71 1.14
CA PHE A 104 -7.87 -0.11 2.48
C PHE A 104 -7.73 1.40 2.37
N VAL A 105 -6.62 1.84 1.82
CA VAL A 105 -6.35 3.30 1.68
C VAL A 105 -7.26 3.94 0.63
N VAL A 106 -7.59 3.25 -0.44
CA VAL A 106 -8.47 3.86 -1.49
C VAL A 106 -9.67 4.60 -0.86
N PRO A 107 -10.53 3.90 -0.14
CA PRO A 107 -11.71 4.54 0.48
C PRO A 107 -11.31 5.33 1.70
N LEU A 108 -10.25 4.94 2.30
CA LEU A 108 -9.74 5.67 3.47
C LEU A 108 -9.35 7.06 2.96
N ILE A 109 -8.57 7.06 1.92
CA ILE A 109 -8.17 8.32 1.27
C ILE A 109 -9.36 8.92 0.51
N ALA A 110 -10.26 8.10 0.00
CA ALA A 110 -11.43 8.65 -0.72
C ALA A 110 -12.26 9.44 0.24
N SER A 111 -12.43 8.91 1.42
CA SER A 111 -13.20 9.65 2.44
C SER A 111 -12.47 10.93 2.79
N ALA A 112 -11.22 10.83 3.11
CA ALA A 112 -10.40 12.04 3.41
C ALA A 112 -10.32 12.98 2.20
N SER A 113 -10.47 12.48 1.00
CA SER A 113 -10.43 13.41 -0.18
C SER A 113 -11.78 14.11 -0.24
N ILE A 114 -12.78 13.42 0.19
CA ILE A 114 -14.15 13.94 0.27
C ILE A 114 -14.31 14.78 1.53
N LYS A 115 -13.65 14.34 2.57
CA LYS A 115 -13.70 15.01 3.87
C LYS A 115 -12.76 16.20 3.91
N TYR A 116 -11.53 15.94 3.60
CA TYR A 116 -10.48 17.00 3.64
C TYR A 116 -10.15 17.56 2.25
N PRO A 117 -10.94 18.49 1.80
CA PRO A 117 -10.65 19.13 0.50
C PRO A 117 -9.38 19.97 0.67
N HIS A 118 -9.28 20.62 1.80
CA HIS A 118 -8.10 21.49 2.12
C HIS A 118 -6.77 20.74 2.05
N MET A 119 -6.71 19.62 2.67
CA MET A 119 -5.44 18.83 2.71
C MET A 119 -5.26 18.06 1.40
N PHE A 120 -6.33 17.77 0.73
CA PHE A 120 -6.25 17.02 -0.57
C PHE A 120 -6.21 17.98 -1.78
N ILE A 121 -6.32 19.27 -1.54
CA ILE A 121 -6.29 20.27 -2.67
C ILE A 121 -5.04 20.08 -3.54
N ASN A 122 -3.87 19.95 -2.94
CA ASN A 122 -2.63 19.78 -3.76
C ASN A 122 -2.62 18.44 -4.45
N HIS A 123 -2.31 18.46 -5.73
CA HIS A 123 -2.30 17.21 -6.51
C HIS A 123 -1.38 16.14 -5.88
N ASN A 124 -0.36 16.53 -5.17
CA ASN A 124 0.56 15.51 -4.56
C ASN A 124 0.16 15.20 -3.09
N GLN A 125 -0.63 16.03 -2.47
CA GLN A 125 -1.02 15.78 -1.05
C GLN A 125 -1.92 14.55 -0.91
N GLN A 126 -2.94 14.41 -1.73
CA GLN A 126 -3.81 13.20 -1.61
C GLN A 126 -3.02 11.97 -2.04
N VAL A 127 -2.06 12.15 -2.92
CA VAL A 127 -1.20 11.01 -3.34
C VAL A 127 -0.28 10.66 -2.16
N SER A 128 0.27 11.66 -1.52
CA SER A 128 1.15 11.39 -0.35
C SER A 128 0.30 10.91 0.82
N PHE A 129 -0.89 11.42 0.93
CA PHE A 129 -1.80 11.01 2.04
C PHE A 129 -1.95 9.50 2.08
N LYS A 130 -2.15 8.90 0.94
CA LYS A 130 -2.32 7.42 0.88
C LYS A 130 -1.00 6.72 1.18
N ALA A 131 0.08 7.42 1.11
CA ALA A 131 1.39 6.78 1.40
C ALA A 131 1.51 6.48 2.89
N TYR A 132 1.26 7.44 3.75
CA TYR A 132 1.31 7.10 5.20
C TYR A 132 -0.01 6.40 5.56
N ALA A 133 -0.99 6.45 4.67
CA ALA A 133 -2.27 5.73 4.94
C ALA A 133 -2.04 4.23 4.77
N GLU A 134 -1.30 3.81 3.77
CA GLU A 134 -1.04 2.35 3.64
C GLU A 134 -0.11 1.89 4.79
N LYS A 135 0.54 2.82 5.43
CA LYS A 135 1.42 2.48 6.58
C LYS A 135 0.60 2.23 7.86
N ILE A 136 -0.51 2.91 8.05
CA ILE A 136 -1.31 2.68 9.27
C ILE A 136 -2.10 1.40 9.15
N VAL A 137 -2.69 1.16 8.01
CA VAL A 137 -3.46 -0.09 7.84
C VAL A 137 -2.58 -1.26 8.27
N MET A 138 -1.28 -1.17 8.06
CA MET A 138 -0.38 -2.30 8.49
C MET A 138 -0.59 -2.64 9.99
N LYS A 139 -1.20 -1.76 10.74
CA LYS A 139 -1.50 -2.09 12.17
C LYS A 139 -2.86 -2.77 12.22
N GLU A 140 -3.67 -2.52 11.23
CA GLU A 140 -5.01 -3.15 11.16
C GLU A 140 -5.00 -4.34 10.18
N VAL A 141 -4.30 -4.21 9.09
CA VAL A 141 -4.24 -5.31 8.08
C VAL A 141 -3.32 -6.47 8.54
N THR A 142 -2.29 -6.19 9.31
CA THR A 142 -1.35 -7.27 9.77
C THR A 142 -2.10 -8.54 10.23
N PRO A 143 -3.14 -8.38 11.01
CA PRO A 143 -3.91 -9.56 11.50
C PRO A 143 -4.53 -10.38 10.36
N LEU A 144 -4.78 -9.78 9.22
CA LEU A 144 -5.32 -10.61 8.09
C LEU A 144 -4.17 -11.43 7.54
N PHE A 145 -2.97 -11.01 7.86
CA PHE A 145 -1.76 -11.75 7.40
C PHE A 145 -1.39 -12.82 8.44
N ASN A 146 -2.19 -12.96 9.48
CA ASN A 146 -1.90 -13.99 10.51
C ASN A 146 -2.46 -15.35 10.05
N LYS A 147 -3.65 -15.35 9.50
CA LYS A 147 -4.25 -16.62 9.01
C LYS A 147 -3.64 -17.01 7.66
N GLY A 148 -3.31 -18.27 7.49
CA GLY A 148 -2.72 -18.73 6.21
C GLY A 148 -1.18 -18.66 6.28
N THR A 149 -0.56 -17.99 5.35
CA THR A 149 0.94 -17.88 5.34
C THR A 149 1.37 -16.55 4.73
N MET A 150 0.60 -15.54 4.98
CA MET A 150 0.91 -14.18 4.41
C MET A 150 2.02 -13.47 5.19
N PRO A 151 2.82 -12.72 4.46
CA PRO A 151 3.93 -11.94 5.06
C PRO A 151 3.33 -10.68 5.70
N THR A 152 4.01 -10.07 6.63
CA THR A 152 3.45 -8.84 7.22
C THR A 152 3.77 -7.69 6.29
N PRO A 153 3.06 -6.63 6.45
CA PRO A 153 3.27 -5.44 5.59
C PRO A 153 4.70 -4.96 5.75
N GLN A 154 5.16 -4.89 6.95
CA GLN A 154 6.55 -4.42 7.20
C GLN A 154 7.59 -5.43 6.73
N GLN A 155 7.35 -6.66 6.99
CA GLN A 155 8.31 -7.73 6.56
C GLN A 155 8.29 -7.79 5.02
N PHE A 156 7.10 -7.75 4.47
CA PHE A 156 6.98 -7.77 2.99
C PHE A 156 7.41 -6.40 2.42
N GLN A 157 6.99 -5.31 3.02
CA GLN A 157 7.39 -3.97 2.49
C GLN A 157 8.90 -3.86 2.50
N LEU A 158 9.53 -4.20 3.56
CA LEU A 158 11.01 -4.13 3.60
C LEU A 158 11.58 -5.01 2.50
N THR A 159 11.15 -6.24 2.41
CA THR A 159 11.66 -7.14 1.33
C THR A 159 11.36 -6.51 -0.03
N ILE A 160 10.27 -5.80 -0.13
CA ILE A 160 9.91 -5.12 -1.41
C ILE A 160 10.74 -3.86 -1.51
N GLU A 161 10.69 -3.06 -0.50
CA GLU A 161 11.50 -1.82 -0.47
C GLU A 161 12.90 -2.19 -0.79
N ASN A 162 13.30 -3.30 -0.27
CA ASN A 162 14.68 -3.78 -0.55
C ASN A 162 14.94 -3.84 -2.05
N ILE A 163 13.92 -3.99 -2.85
CA ILE A 163 14.18 -3.99 -4.31
C ILE A 163 13.97 -2.59 -4.84
N ALA A 164 13.24 -1.79 -4.09
CA ALA A 164 13.01 -0.40 -4.46
C ALA A 164 14.27 0.33 -4.10
N ASN A 165 14.76 0.01 -2.94
CA ASN A 165 16.02 0.57 -2.43
C ASN A 165 17.20 0.07 -3.25
N LYS A 166 17.08 -1.12 -3.78
CA LYS A 166 18.20 -1.65 -4.61
C LYS A 166 18.23 -0.87 -5.91
N TYR A 167 17.09 -0.67 -6.47
CA TYR A 167 17.01 0.13 -7.72
C TYR A 167 17.01 1.62 -7.35
N LEU A 168 16.71 1.90 -6.11
CA LEU A 168 16.68 3.29 -5.60
C LEU A 168 18.02 3.94 -5.81
N GLN A 169 19.01 3.35 -5.22
CA GLN A 169 20.38 3.93 -5.32
C GLN A 169 20.92 3.79 -6.75
N ASN A 170 21.58 2.69 -7.06
CA ASN A 170 22.12 2.47 -8.44
C ASN A 170 22.97 3.68 -8.89
N ALA A 171 24.02 3.95 -8.18
CA ALA A 171 24.90 5.14 -8.50
C ALA A 171 24.14 6.44 -8.22
N SER A 172 22.95 6.57 -8.75
CA SER A 172 22.11 7.79 -8.53
C SER A 172 22.74 9.02 -9.21
#